data_5Y29
#
_entry.id   5Y29
#
_cell.length_a   98.529
_cell.length_b   98.529
_cell.length_c   93.957
_cell.angle_alpha   90.000
_cell.angle_beta   90.000
_cell.angle_gamma   90.000
#
_symmetry.space_group_name_H-M   'P 41 21 2'
#
loop_
_entity.id
_entity.type
_entity.pdbx_description
1 polymer 'insect group II chitinase'
2 non-polymer 2-acetamido-2-deoxy-beta-D-glucopyranose
3 water water
#
_entity_poly.entity_id   1
_entity_poly.type   'polypeptide(L)'
_entity_poly.pdbx_seq_one_letter_code
;SLLNSRYKLVCYYTNWSWYRPGIGKYSPEDIDPSLCTHIVYGFAVLGNDGLMTAHDTWSDYDNRFYERVVEYKRYGIKVS
LALGGWNDSAGDKYSKLVNDPAARAKFVQHAVAFLEKYGFDGLDLDWEYPKCWQVDCSKGPDSDKQGFADLVHELSAVLK
PKGLLLSAAVSPNKMVIDAGYDVPVLARLLDWIAVMTYDYHGQWDKKTGHVAPLYYHPDDDTTYFNANYTIHYWMEKGTP
ASKIVMGMPMYGQSFTIENRGIHGLNIPVSDGGEPGEYTRAKGFLAYYEICDRIRNSGWTVVKDPYQRMGPYAYKGNQWV
SFDDVEIIKKKVNFIKSLNLGGGMIWALDLDDYRNRCGQGKHPLLNAIKTELLNPKI
;
_entity_poly.pdbx_strand_id   A
#
# COMPACT_ATOMS: atom_id res chain seq x y z
N SER A 1 -12.79 15.38 -13.05
CA SER A 1 -11.36 15.10 -13.02
C SER A 1 -10.81 15.14 -11.60
N LEU A 2 -9.98 14.15 -11.27
CA LEU A 2 -9.41 14.06 -9.93
C LEU A 2 -8.45 15.21 -9.64
N LEU A 3 -7.80 15.75 -10.67
CA LEU A 3 -6.84 16.83 -10.44
C LEU A 3 -7.54 18.12 -10.02
N ASN A 4 -8.85 18.23 -10.24
CA ASN A 4 -9.64 19.34 -9.74
C ASN A 4 -10.33 19.06 -8.42
N SER A 5 -10.15 17.86 -7.86
CA SER A 5 -10.85 17.47 -6.64
C SER A 5 -10.06 17.90 -5.41
N ARG A 6 -10.73 17.87 -4.26
CA ARG A 6 -10.09 18.19 -2.99
C ARG A 6 -9.36 17.00 -2.39
N TYR A 7 -9.28 15.87 -3.09
CA TYR A 7 -8.70 14.66 -2.56
C TYR A 7 -7.54 14.19 -3.43
N LYS A 8 -6.59 13.50 -2.80
CA LYS A 8 -5.58 12.75 -3.53
C LYS A 8 -6.05 11.32 -3.79
N LEU A 9 -5.59 10.75 -4.89
CA LEU A 9 -5.74 9.33 -5.18
C LEU A 9 -4.33 8.84 -5.54
N VAL A 10 -3.67 8.21 -4.57
CA VAL A 10 -2.27 7.81 -4.69
C VAL A 10 -2.23 6.37 -5.18
N CYS A 11 -1.63 6.16 -6.35
CA CYS A 11 -1.56 4.83 -6.98
C CYS A 11 -0.14 4.30 -6.93
N TYR A 12 0.04 3.13 -6.32
CA TYR A 12 1.34 2.50 -6.37
C TYR A 12 1.50 1.74 -7.68
N TYR A 13 2.64 1.96 -8.32
CA TYR A 13 3.09 1.21 -9.49
C TYR A 13 4.19 0.25 -9.06
N THR A 14 4.19 -0.97 -9.58
CA THR A 14 5.21 -1.96 -9.20
C THR A 14 5.95 -2.42 -10.44
N ASN A 15 7.30 -2.34 -10.41
CA ASN A 15 8.06 -2.72 -11.58
C ASN A 15 8.08 -4.22 -11.82
N TRP A 16 7.83 -5.04 -10.80
CA TRP A 16 7.88 -6.48 -11.00
C TRP A 16 6.59 -7.05 -11.58
N SER A 17 5.53 -6.24 -11.71
CA SER A 17 4.33 -6.72 -12.37
C SER A 17 4.56 -6.97 -13.86
N TRP A 18 5.67 -6.47 -14.39
CA TRP A 18 6.10 -6.76 -15.75
C TRP A 18 6.32 -8.25 -15.99
N TYR A 19 6.78 -8.97 -14.96
CA TYR A 19 7.19 -10.36 -15.09
C TYR A 19 6.03 -11.30 -14.76
N ARG A 20 4.96 -11.16 -15.54
CA ARG A 20 3.75 -11.95 -15.39
C ARG A 20 3.29 -12.39 -16.76
N PRO A 21 2.67 -13.57 -16.87
CA PRO A 21 2.27 -14.08 -18.18
C PRO A 21 0.96 -13.48 -18.67
N GLY A 22 0.81 -13.46 -20.00
CA GLY A 22 -0.46 -13.15 -20.61
C GLY A 22 -1.06 -11.85 -20.12
N ILE A 23 -2.34 -11.92 -19.73
CA ILE A 23 -3.05 -10.71 -19.32
C ILE A 23 -2.58 -10.13 -18.01
N GLY A 24 -1.79 -10.88 -17.23
CA GLY A 24 -1.25 -10.34 -16.00
C GLY A 24 -0.07 -9.43 -16.18
N LYS A 25 0.57 -9.46 -17.35
CA LYS A 25 1.68 -8.55 -17.61
C LYS A 25 1.21 -7.10 -17.50
N TYR A 26 1.99 -6.28 -16.82
CA TYR A 26 1.70 -4.86 -16.65
C TYR A 26 2.96 -4.07 -16.97
N SER A 27 2.82 -3.07 -17.82
CA SER A 27 3.89 -2.20 -18.28
C SER A 27 3.58 -0.75 -17.92
N PRO A 28 4.58 0.13 -17.94
CA PRO A 28 4.27 1.56 -17.69
C PRO A 28 3.19 2.12 -18.59
N GLU A 29 3.10 1.66 -19.83
CA GLU A 29 2.09 2.17 -20.74
C GLU A 29 0.68 1.76 -20.36
N ASP A 30 0.53 0.76 -19.48
CA ASP A 30 -0.78 0.34 -19.04
C ASP A 30 -1.39 1.27 -17.99
N ILE A 31 -0.60 2.19 -17.44
CA ILE A 31 -1.11 3.14 -16.46
C ILE A 31 -2.20 3.97 -17.10
N ASP A 32 -3.33 4.11 -16.39
CA ASP A 32 -4.41 4.98 -16.85
C ASP A 32 -4.32 6.28 -16.09
N PRO A 33 -3.84 7.36 -16.71
CA PRO A 33 -3.65 8.62 -15.97
C PRO A 33 -4.94 9.34 -15.59
N SER A 34 -6.10 8.88 -16.06
CA SER A 34 -7.36 9.44 -15.61
C SER A 34 -7.75 8.95 -14.22
N LEU A 35 -7.00 8.03 -13.62
CA LEU A 35 -7.43 7.34 -12.41
C LEU A 35 -6.58 7.65 -11.19
N CYS A 36 -5.59 8.53 -11.30
CA CYS A 36 -4.68 8.83 -10.21
C CYS A 36 -4.35 10.32 -10.21
N THR A 37 -4.13 10.87 -9.02
CA THR A 37 -3.50 12.18 -8.86
C THR A 37 -2.00 12.08 -8.63
N HIS A 38 -1.56 11.01 -7.97
CA HIS A 38 -0.16 10.75 -7.70
C HIS A 38 0.15 9.31 -8.08
N ILE A 39 1.32 9.08 -8.67
CA ILE A 39 1.84 7.74 -8.92
C ILE A 39 3.12 7.58 -8.14
N VAL A 40 3.26 6.46 -7.43
CA VAL A 40 4.45 6.18 -6.65
C VAL A 40 5.10 4.91 -7.19
N TYR A 41 6.37 5.01 -7.56
CA TYR A 41 7.09 3.93 -8.21
C TYR A 41 7.74 3.02 -7.16
N GLY A 42 7.32 1.76 -7.13
CA GLY A 42 7.91 0.78 -6.22
C GLY A 42 8.76 -0.23 -6.97
N PHE A 43 10.01 -0.42 -6.54
CA PHE A 43 10.69 0.33 -5.47
C PHE A 43 12.14 0.58 -5.90
N ALA A 44 12.75 1.65 -5.40
CA ALA A 44 14.19 1.72 -5.29
C ALA A 44 14.61 1.11 -3.94
N VAL A 45 15.88 0.75 -3.81
CA VAL A 45 16.35 0.07 -2.60
C VAL A 45 17.59 0.77 -2.07
N LEU A 46 17.97 0.39 -0.84
CA LEU A 46 19.16 0.93 -0.21
C LEU A 46 20.34 0.04 -0.57
N GLY A 47 21.31 0.60 -1.29
CA GLY A 47 22.48 -0.17 -1.67
C GLY A 47 23.42 -0.40 -0.50
N ASN A 48 24.39 -1.28 -0.73
CA ASN A 48 25.34 -1.63 0.32
C ASN A 48 26.25 -0.47 0.70
N ASP A 49 26.29 0.59 -0.11
CA ASP A 49 27.04 1.80 0.18
C ASP A 49 26.21 2.83 0.92
N GLY A 50 24.99 2.49 1.33
CA GLY A 50 24.11 3.41 2.02
C GLY A 50 23.49 4.47 1.13
N LEU A 51 23.41 4.21 -0.17
CA LEU A 51 22.85 5.14 -1.13
C LEU A 51 21.68 4.49 -1.85
N MET A 52 20.67 5.29 -2.17
CA MET A 52 19.52 4.77 -2.91
C MET A 52 19.96 4.29 -4.28
N THR A 53 19.41 3.15 -4.71
CA THR A 53 19.82 2.59 -5.99
C THR A 53 18.66 1.80 -6.58
N ALA A 54 18.68 1.64 -7.91
CA ALA A 54 17.67 0.84 -8.57
C ALA A 54 17.75 -0.62 -8.12
N HIS A 55 16.59 -1.21 -7.86
CA HIS A 55 16.53 -2.63 -7.49
C HIS A 55 16.61 -3.51 -8.73
N ASP A 56 15.94 -3.12 -9.80
CA ASP A 56 15.87 -3.90 -11.03
C ASP A 56 16.46 -3.06 -12.15
N THR A 57 17.77 -3.21 -12.40
CA THR A 57 18.40 -2.36 -13.41
C THR A 57 17.90 -2.70 -14.82
N TRP A 58 17.53 -3.95 -15.06
CA TRP A 58 17.00 -4.35 -16.36
C TRP A 58 15.74 -3.55 -16.70
N SER A 59 14.81 -3.42 -15.75
CA SER A 59 13.58 -2.68 -16.03
C SER A 59 13.78 -1.18 -15.84
N ASP A 60 14.30 -0.78 -14.67
CA ASP A 60 14.36 0.63 -14.30
C ASP A 60 15.28 1.43 -15.21
N TYR A 61 16.44 0.86 -15.57
CA TYR A 61 17.43 1.56 -16.39
C TYR A 61 17.42 1.08 -17.84
N ASP A 62 17.74 -0.20 -18.07
CA ASP A 62 17.95 -0.71 -19.42
C ASP A 62 16.69 -0.58 -20.27
N ASN A 63 15.51 -0.80 -19.68
CA ASN A 63 14.27 -0.64 -20.41
C ASN A 63 13.54 0.65 -20.05
N ARG A 64 14.22 1.56 -19.35
CA ARG A 64 13.74 2.95 -19.16
C ARG A 64 12.41 3.02 -18.42
N PHE A 65 12.20 2.11 -17.46
CA PHE A 65 10.92 2.12 -16.74
C PHE A 65 10.76 3.41 -15.92
N TYR A 66 11.84 3.89 -15.31
CA TYR A 66 11.76 5.17 -14.61
C TYR A 66 11.21 6.25 -15.52
N GLU A 67 11.81 6.39 -16.70
CA GLU A 67 11.39 7.45 -17.59
C GLU A 67 9.97 7.22 -18.10
N ARG A 68 9.60 5.96 -18.31
CA ARG A 68 8.28 5.66 -18.86
C ARG A 68 7.16 5.81 -17.84
N VAL A 69 7.47 5.92 -16.55
CA VAL A 69 6.47 6.25 -15.54
C VAL A 69 6.45 7.74 -15.25
N VAL A 70 7.64 8.36 -15.18
CA VAL A 70 7.74 9.81 -15.07
C VAL A 70 7.06 10.50 -16.24
N GLU A 71 6.93 9.79 -17.37
CA GLU A 71 6.12 10.20 -18.52
C GLU A 71 4.80 10.84 -18.10
N TYR A 72 4.15 10.28 -17.09
CA TYR A 72 2.79 10.69 -16.76
C TYR A 72 2.71 12.04 -16.06
N LYS A 73 3.84 12.66 -15.72
CA LYS A 73 3.82 14.05 -15.26
C LYS A 73 3.15 14.96 -16.28
N ARG A 74 3.23 14.63 -17.56
CA ARG A 74 2.66 15.48 -18.60
C ARG A 74 1.15 15.58 -18.51
N TYR A 75 0.49 14.68 -17.78
CA TYR A 75 -0.95 14.72 -17.56
C TYR A 75 -1.32 15.47 -16.29
N GLY A 76 -0.34 16.02 -15.57
CA GLY A 76 -0.60 16.72 -14.33
C GLY A 76 -0.48 15.85 -13.10
N ILE A 77 -0.06 14.61 -13.27
CA ILE A 77 0.13 13.67 -12.17
C ILE A 77 1.49 13.92 -11.54
N LYS A 78 1.56 13.80 -10.22
CA LYS A 78 2.82 13.84 -9.50
C LYS A 78 3.38 12.43 -9.40
N VAL A 79 4.62 12.24 -9.83
CA VAL A 79 5.25 10.92 -9.91
C VAL A 79 6.40 10.88 -8.92
N SER A 80 6.26 10.06 -7.88
CA SER A 80 7.30 9.90 -6.86
C SER A 80 7.97 8.53 -6.98
N LEU A 81 9.17 8.43 -6.45
CA LEU A 81 9.89 7.16 -6.33
C LEU A 81 9.81 6.70 -4.89
N ALA A 82 9.39 5.45 -4.67
CA ALA A 82 9.37 4.87 -3.33
C ALA A 82 10.67 4.15 -3.05
N LEU A 83 11.16 4.30 -1.82
CA LEU A 83 12.35 3.62 -1.33
C LEU A 83 11.96 2.57 -0.30
N GLY A 84 12.40 1.33 -0.52
CA GLY A 84 12.19 0.31 0.48
C GLY A 84 11.24 -0.79 0.06
N GLY A 85 10.11 -0.90 0.74
CA GLY A 85 9.20 -2.01 0.55
C GLY A 85 9.51 -3.14 1.52
N TRP A 86 8.58 -4.10 1.58
CA TRP A 86 8.67 -5.18 2.55
C TRP A 86 9.97 -5.97 2.38
N ASN A 87 10.29 -6.38 1.14
CA ASN A 87 11.45 -7.24 0.95
C ASN A 87 12.73 -6.52 1.30
N ASP A 88 12.84 -5.23 0.99
CA ASP A 88 14.07 -4.51 1.30
C ASP A 88 14.22 -4.22 2.78
N SER A 89 13.17 -4.43 3.57
CA SER A 89 13.16 -4.09 4.99
C SER A 89 13.52 -5.27 5.88
N ALA A 90 14.01 -6.38 5.31
CA ALA A 90 14.19 -7.60 6.10
C ALA A 90 15.27 -7.44 7.16
N GLY A 91 16.35 -6.73 6.85
CA GLY A 91 17.52 -6.72 7.71
C GLY A 91 17.68 -5.44 8.52
N ASP A 92 18.95 -5.08 8.79
CA ASP A 92 19.25 -3.94 9.62
C ASP A 92 19.74 -2.71 8.86
N LYS A 93 19.78 -2.75 7.52
CA LYS A 93 20.48 -1.69 6.80
C LYS A 93 19.81 -0.34 6.96
N TYR A 94 18.47 -0.28 7.02
CA TYR A 94 17.84 1.01 7.25
C TYR A 94 18.08 1.51 8.66
N SER A 95 18.14 0.59 9.58
CA SER A 95 18.46 0.94 10.94
C SER A 95 19.88 1.50 11.03
N LYS A 96 20.81 0.88 10.33
CA LYS A 96 22.19 1.33 10.37
C LYS A 96 22.31 2.70 9.74
N LEU A 97 21.53 2.94 8.71
CA LEU A 97 21.55 4.22 8.09
C LEU A 97 21.02 5.31 9.03
N VAL A 98 19.83 5.13 9.57
CA VAL A 98 19.21 6.24 10.30
C VAL A 98 19.84 6.48 11.66
N ASN A 99 20.64 5.55 12.17
CA ASN A 99 21.32 5.74 13.45
C ASN A 99 22.71 6.34 13.27
N ASP A 100 23.09 6.71 12.06
CA ASP A 100 24.41 7.28 11.78
C ASP A 100 24.22 8.62 11.08
N PRO A 101 24.31 9.73 11.82
CA PRO A 101 24.10 11.05 11.17
C PRO A 101 24.98 11.29 9.96
N ALA A 102 26.22 10.79 9.95
CA ALA A 102 27.07 11.01 8.79
C ALA A 102 26.59 10.21 7.59
N ALA A 103 26.03 9.02 7.84
CA ALA A 103 25.46 8.22 6.76
C ALA A 103 24.20 8.86 6.22
N ARG A 104 23.36 9.41 7.10
CA ARG A 104 22.17 10.13 6.65
C ARG A 104 22.56 11.33 5.78
N ALA A 105 23.58 12.09 6.20
CA ALA A 105 23.95 13.30 5.46
C ALA A 105 24.38 12.98 4.04
N LYS A 106 25.14 11.89 3.87
CA LYS A 106 25.56 11.49 2.53
C LYS A 106 24.38 10.97 1.73
N PHE A 107 23.54 10.15 2.36
CA PHE A 107 22.36 9.60 1.68
C PHE A 107 21.45 10.71 1.15
N VAL A 108 21.24 11.77 1.94
CA VAL A 108 20.23 12.76 1.58
C VAL A 108 20.63 13.51 0.31
N GLN A 109 21.89 13.96 0.23
CA GLN A 109 22.29 14.73 -0.95
C GLN A 109 22.28 13.84 -2.20
N HIS A 110 22.71 12.58 -2.07
CA HIS A 110 22.68 11.69 -3.21
C HIS A 110 21.25 11.38 -3.64
N ALA A 111 20.34 11.22 -2.67
CA ALA A 111 18.96 10.86 -2.98
C ALA A 111 18.28 11.95 -3.79
N VAL A 112 18.45 13.22 -3.41
CA VAL A 112 17.78 14.25 -4.17
C VAL A 112 18.39 14.35 -5.57
N ALA A 113 19.70 14.13 -5.70
CA ALA A 113 20.32 14.12 -7.01
C ALA A 113 19.75 12.98 -7.86
N PHE A 114 19.53 11.82 -7.24
CA PHE A 114 18.90 10.69 -7.90
C PHE A 114 17.53 11.06 -8.43
N LEU A 115 16.70 11.67 -7.58
CA LEU A 115 15.36 12.08 -8.01
C LEU A 115 15.41 13.05 -9.18
N GLU A 116 16.30 14.04 -9.11
CA GLU A 116 16.33 15.06 -10.15
C GLU A 116 16.90 14.51 -11.45
N LYS A 117 17.79 13.52 -11.38
CA LYS A 117 18.35 12.94 -12.59
C LYS A 117 17.27 12.31 -13.46
N TYR A 118 16.28 11.66 -12.84
CA TYR A 118 15.25 10.95 -13.58
C TYR A 118 13.93 11.72 -13.66
N GLY A 119 13.85 12.89 -13.03
CA GLY A 119 12.68 13.73 -13.14
C GLY A 119 11.56 13.44 -12.17
N PHE A 120 11.83 12.72 -11.09
CA PHE A 120 10.80 12.40 -10.12
C PHE A 120 10.36 13.66 -9.37
N ASP A 121 9.08 13.70 -9.02
CA ASP A 121 8.52 14.82 -8.27
C ASP A 121 8.75 14.70 -6.77
N GLY A 122 9.18 13.56 -6.27
CA GLY A 122 9.31 13.40 -4.84
C GLY A 122 9.81 12.03 -4.47
N LEU A 123 9.94 11.83 -3.16
CA LEU A 123 10.40 10.59 -2.57
C LEU A 123 9.32 10.07 -1.63
N ASP A 124 9.09 8.76 -1.69
CA ASP A 124 8.16 8.08 -0.79
C ASP A 124 8.95 7.09 0.04
N LEU A 125 8.93 7.25 1.36
CA LEU A 125 9.65 6.35 2.25
C LEU A 125 8.77 5.17 2.63
N ASP A 126 9.27 3.95 2.38
CA ASP A 126 8.51 2.73 2.68
C ASP A 126 9.40 1.75 3.46
N TRP A 127 9.92 2.21 4.60
CA TRP A 127 10.64 1.31 5.50
C TRP A 127 9.62 0.61 6.37
N GLU A 128 9.64 -0.72 6.37
CA GLU A 128 8.68 -1.54 7.11
C GLU A 128 9.42 -2.43 8.11
N TYR A 129 9.71 -1.93 9.28
CA TYR A 129 9.41 -0.61 9.78
C TYR A 129 10.50 -0.19 10.76
N PRO A 130 10.56 1.11 11.05
CA PRO A 130 11.53 1.59 12.04
C PRO A 130 11.24 0.82 13.35
N LYS A 131 12.29 0.35 13.99
CA LYS A 131 12.19 -0.38 15.22
C LYS A 131 11.64 -1.80 15.01
N CYS A 132 10.45 -1.89 14.49
CA CYS A 132 9.80 -3.15 14.25
C CYS A 132 10.10 -3.64 12.83
N TRP A 133 11.31 -4.15 12.63
CA TRP A 133 11.73 -4.60 11.32
C TRP A 133 10.80 -5.74 10.94
N GLN A 134 10.14 -5.61 9.81
CA GLN A 134 9.22 -6.60 9.33
C GLN A 134 8.24 -6.99 10.44
N VAL A 135 7.82 -5.95 11.14
CA VAL A 135 6.84 -5.97 12.22
C VAL A 135 7.32 -6.58 13.54
N ASP A 136 8.57 -6.95 13.64
CA ASP A 136 9.08 -7.55 14.89
C ASP A 136 9.79 -6.51 15.75
N CYS A 137 9.06 -5.98 16.70
CA CYS A 137 9.59 -4.86 17.49
C CYS A 137 10.73 -5.27 18.41
N SER A 138 11.04 -6.55 18.46
CA SER A 138 12.12 -6.99 19.28
C SER A 138 13.47 -6.83 18.60
N LYS A 139 13.41 -6.61 17.24
CA LYS A 139 14.63 -6.49 16.46
C LYS A 139 15.40 -5.22 16.49
N GLY A 140 14.75 -4.07 16.39
CA GLY A 140 15.42 -2.80 16.28
C GLY A 140 15.56 -2.02 17.54
N PRO A 141 16.45 -1.08 17.52
CA PRO A 141 16.61 -0.24 18.69
C PRO A 141 15.57 0.87 18.70
N ASP A 142 15.22 1.31 19.91
CA ASP A 142 14.29 2.42 20.06
C ASP A 142 14.79 3.66 19.33
N SER A 143 16.11 3.80 19.18
CA SER A 143 16.68 4.95 18.49
C SER A 143 16.31 4.99 17.02
N ASP A 144 15.76 3.90 16.47
CA ASP A 144 15.21 3.94 15.11
C ASP A 144 14.14 5.02 14.98
N LYS A 145 13.39 5.28 16.04
CA LYS A 145 12.31 6.27 15.97
C LYS A 145 12.89 7.66 15.75
N GLN A 146 13.82 8.09 16.61
CA GLN A 146 14.43 9.40 16.44
C GLN A 146 15.26 9.46 15.16
N GLY A 147 15.93 8.35 14.80
CA GLY A 147 16.70 8.33 13.56
C GLY A 147 15.84 8.55 12.34
N PHE A 148 14.70 7.85 12.27
CA PHE A 148 13.77 8.02 11.14
C PHE A 148 13.19 9.42 11.13
N ALA A 149 12.81 9.94 12.30
CA ALA A 149 12.31 11.32 12.36
C ALA A 149 13.36 12.30 11.85
N ASP A 150 14.62 12.08 12.21
CA ASP A 150 15.68 12.98 11.73
C ASP A 150 15.93 12.80 10.24
N LEU A 151 15.83 11.56 9.74
CA LEU A 151 15.97 11.36 8.31
C LEU A 151 14.89 12.11 7.55
N VAL A 152 13.65 12.06 8.06
CA VAL A 152 12.54 12.77 7.43
C VAL A 152 12.78 14.27 7.45
N HIS A 153 13.27 14.80 8.57
CA HIS A 153 13.58 16.22 8.62
C HIS A 153 14.65 16.56 7.60
N GLU A 154 15.71 15.75 7.52
CA GLU A 154 16.85 16.09 6.68
C GLU A 154 16.49 15.99 5.20
N LEU A 155 15.67 15.01 4.84
CA LEU A 155 15.15 14.95 3.48
C LEU A 155 14.25 16.14 3.18
N SER A 156 13.35 16.46 4.11
CA SER A 156 12.44 17.59 3.90
C SER A 156 13.21 18.89 3.67
N ALA A 157 14.31 19.08 4.41
CA ALA A 157 15.08 20.31 4.34
C ALA A 157 15.72 20.50 2.97
N VAL A 158 16.02 19.41 2.26
CA VAL A 158 16.60 19.53 0.93
C VAL A 158 15.52 19.48 -0.15
N LEU A 159 14.48 18.67 0.06
CA LEU A 159 13.45 18.49 -0.95
C LEU A 159 12.53 19.69 -1.06
N LYS A 160 12.04 20.19 0.06
CA LYS A 160 11.00 21.22 0.00
C LYS A 160 11.45 22.52 -0.67
N PRO A 161 12.67 23.04 -0.45
CA PRO A 161 13.07 24.25 -1.20
C PRO A 161 13.18 24.02 -2.69
N LYS A 162 13.35 22.77 -3.14
CA LYS A 162 13.33 22.46 -4.55
C LYS A 162 11.93 22.22 -5.09
N GLY A 163 10.91 22.35 -4.23
CA GLY A 163 9.56 22.03 -4.64
C GLY A 163 9.27 20.55 -4.80
N LEU A 164 10.07 19.68 -4.20
CA LEU A 164 9.89 18.24 -4.32
C LEU A 164 9.09 17.71 -3.13
N LEU A 165 8.37 16.62 -3.38
CA LEU A 165 7.47 16.03 -2.40
C LEU A 165 8.19 15.01 -1.53
N LEU A 166 7.67 14.82 -0.32
CA LEU A 166 8.16 13.79 0.60
C LEU A 166 6.96 13.16 1.27
N SER A 167 6.85 11.84 1.16
CA SER A 167 5.74 11.13 1.74
C SER A 167 6.26 9.85 2.35
N ALA A 168 5.39 9.16 3.09
CA ALA A 168 5.78 7.87 3.64
C ALA A 168 4.57 6.95 3.66
N ALA A 169 4.83 5.67 3.40
CA ALA A 169 3.86 4.62 3.63
C ALA A 169 4.08 4.08 5.03
N VAL A 170 3.01 4.01 5.84
CA VAL A 170 3.16 3.72 7.26
C VAL A 170 2.26 2.57 7.73
N SER A 171 2.64 2.02 8.89
CA SER A 171 1.95 0.87 9.46
C SER A 171 0.55 1.25 9.94
N PRO A 172 -0.42 0.34 9.83
CA PRO A 172 -1.72 0.52 10.49
C PRO A 172 -1.75 -0.05 11.90
N ASN A 173 -0.65 -0.60 12.36
CA ASN A 173 -0.60 -1.41 13.58
C ASN A 173 -0.20 -0.52 14.76
N LYS A 174 -1.11 -0.39 15.73
CA LYS A 174 -0.86 0.37 16.96
C LYS A 174 0.53 0.08 17.55
N MET A 175 0.92 -1.11 17.60
CA MET A 175 2.19 -1.51 18.18
C MET A 175 3.37 -0.87 17.46
N VAL A 176 3.31 -0.98 16.17
CA VAL A 176 4.40 -0.41 15.39
C VAL A 176 4.40 1.10 15.48
N ILE A 177 3.22 1.73 15.42
CA ILE A 177 3.12 3.18 15.51
C ILE A 177 3.70 3.68 16.83
N ASP A 178 3.35 3.02 17.93
CA ASP A 178 3.88 3.41 19.24
C ASP A 178 5.39 3.26 19.31
N ALA A 179 5.93 2.19 18.73
CA ALA A 179 7.34 1.87 18.89
C ALA A 179 8.24 2.60 17.90
N GLY A 180 7.75 2.89 16.71
CA GLY A 180 8.64 3.33 15.65
C GLY A 180 8.44 4.72 15.07
N TYR A 181 7.31 5.37 15.34
CA TYR A 181 6.97 6.63 14.67
C TYR A 181 6.90 7.77 15.67
N ASP A 182 7.63 8.85 15.38
CA ASP A 182 7.44 10.13 16.05
C ASP A 182 6.36 10.84 15.24
N VAL A 183 5.10 10.61 15.62
CA VAL A 183 3.99 11.02 14.75
C VAL A 183 3.93 12.53 14.57
N PRO A 184 4.07 13.36 15.60
CA PRO A 184 4.01 14.82 15.34
C PRO A 184 5.05 15.31 14.35
N VAL A 185 6.26 14.74 14.36
CA VAL A 185 7.27 15.14 13.37
C VAL A 185 6.84 14.72 11.98
N LEU A 186 6.44 13.46 11.82
CA LEU A 186 6.02 12.98 10.50
C LEU A 186 4.82 13.75 9.99
N ALA A 187 3.84 14.01 10.86
CA ALA A 187 2.64 14.74 10.45
C ALA A 187 2.95 16.15 9.99
N ARG A 188 3.94 16.81 10.60
CA ARG A 188 4.27 18.18 10.21
C ARG A 188 5.06 18.25 8.92
N LEU A 189 5.98 17.30 8.71
CA LEU A 189 6.93 17.43 7.60
C LEU A 189 6.49 16.75 6.31
N LEU A 190 5.72 15.66 6.40
CA LEU A 190 5.37 14.89 5.21
C LEU A 190 4.21 15.54 4.45
N ASP A 191 4.30 15.51 3.13
CA ASP A 191 3.19 16.01 2.31
C ASP A 191 1.97 15.11 2.45
N TRP A 192 2.17 13.80 2.57
CA TRP A 192 1.08 12.93 2.97
C TRP A 192 1.66 11.71 3.65
N ILE A 193 0.79 11.02 4.37
CA ILE A 193 1.09 9.78 5.06
C ILE A 193 0.15 8.75 4.46
N ALA A 194 0.70 7.78 3.74
CA ALA A 194 -0.10 6.71 3.13
C ALA A 194 -0.23 5.58 4.14
N VAL A 195 -1.36 5.54 4.83
CA VAL A 195 -1.56 4.51 5.86
C VAL A 195 -1.96 3.21 5.19
N MET A 196 -1.16 2.16 5.39
CA MET A 196 -1.37 0.87 4.74
C MET A 196 -2.41 0.08 5.54
N THR A 197 -3.65 0.56 5.43
CA THR A 197 -4.78 -0.03 6.14
C THR A 197 -5.21 -1.33 5.45
N TYR A 198 -4.30 -2.28 5.38
CA TYR A 198 -4.59 -3.61 4.82
C TYR A 198 -3.55 -4.57 5.37
N ASP A 199 -3.70 -5.86 5.03
CA ASP A 199 -2.90 -6.94 5.60
C ASP A 199 -3.06 -7.02 7.12
N TYR A 200 -4.24 -6.65 7.61
CA TYR A 200 -4.56 -6.88 9.02
C TYR A 200 -4.57 -8.37 9.34
N HIS A 201 -4.87 -9.21 8.35
CA HIS A 201 -5.01 -10.64 8.55
C HIS A 201 -4.48 -11.35 7.32
N GLY A 202 -3.97 -12.56 7.55
CA GLY A 202 -3.36 -13.34 6.50
C GLY A 202 -2.96 -14.69 7.05
N GLN A 203 -2.30 -15.47 6.18
CA GLN A 203 -1.96 -16.85 6.51
C GLN A 203 -1.17 -16.96 7.81
N TRP A 204 -0.43 -15.90 8.18
CA TRP A 204 0.38 -15.92 9.38
C TRP A 204 -0.46 -16.02 10.66
N ASP A 205 -1.76 -15.72 10.58
CA ASP A 205 -2.64 -15.82 11.74
C ASP A 205 -2.99 -17.27 12.07
N LYS A 206 -2.82 -18.18 11.11
CA LYS A 206 -3.22 -19.58 11.23
C LYS A 206 -4.74 -19.76 11.36
N LYS A 207 -5.50 -18.71 11.03
CA LYS A 207 -6.94 -18.81 10.89
C LYS A 207 -7.40 -17.76 9.88
N THR A 208 -8.61 -17.93 9.38
CA THR A 208 -9.12 -17.01 8.36
C THR A 208 -9.45 -15.65 8.97
N GLY A 209 -9.35 -14.62 8.13
CA GLY A 209 -9.63 -13.26 8.56
C GLY A 209 -9.60 -12.36 7.35
N HIS A 210 -10.11 -11.15 7.52
CA HIS A 210 -10.21 -10.25 6.38
C HIS A 210 -8.96 -9.41 6.23
N VAL A 211 -8.53 -9.26 4.96
CA VAL A 211 -7.32 -8.51 4.64
C VAL A 211 -7.41 -7.07 5.14
N ALA A 212 -8.59 -6.45 5.10
CA ALA A 212 -8.72 -5.01 5.36
C ALA A 212 -10.09 -4.66 5.92
N PRO A 213 -10.36 -5.04 7.17
CA PRO A 213 -11.64 -4.64 7.78
C PRO A 213 -11.74 -3.14 7.94
N LEU A 214 -12.96 -2.61 7.77
CA LEU A 214 -13.20 -1.19 7.99
C LEU A 214 -13.59 -0.88 9.43
N TYR A 215 -14.48 -1.68 10.02
CA TYR A 215 -14.95 -1.47 11.38
C TYR A 215 -14.76 -2.73 12.22
N TYR A 216 -14.84 -2.56 13.54
CA TYR A 216 -14.71 -3.67 14.48
C TYR A 216 -15.78 -4.72 14.20
N HIS A 217 -15.39 -5.97 14.39
CA HIS A 217 -16.29 -7.10 14.24
C HIS A 217 -16.29 -7.84 15.52
N PRO A 218 -17.43 -8.32 15.95
CA PRO A 218 -17.48 -9.00 17.25
C PRO A 218 -16.56 -10.14 17.51
N ASP A 219 -16.12 -10.86 16.50
CA ASP A 219 -15.26 -12.01 16.71
C ASP A 219 -13.79 -11.66 16.71
N ASP A 220 -13.46 -10.37 16.59
CA ASP A 220 -12.06 -10.02 16.52
C ASP A 220 -11.37 -10.30 17.85
N ASP A 221 -10.09 -10.67 17.77
CA ASP A 221 -9.28 -10.85 18.97
C ASP A 221 -8.72 -9.54 19.49
N THR A 222 -8.83 -8.45 18.72
CA THR A 222 -8.40 -7.13 19.14
C THR A 222 -9.48 -6.12 18.84
N THR A 223 -9.38 -4.97 19.52
CA THR A 223 -10.23 -3.82 19.23
C THR A 223 -9.72 -3.00 18.06
N TYR A 224 -8.45 -3.18 17.69
CA TYR A 224 -7.73 -2.18 16.91
C TYR A 224 -7.24 -2.67 15.55
N PHE A 225 -7.60 -3.87 15.13
CA PHE A 225 -7.20 -4.35 13.81
C PHE A 225 -8.29 -4.07 12.78
N ASN A 226 -8.58 -2.78 12.59
CA ASN A 226 -9.53 -2.33 11.57
C ASN A 226 -9.17 -0.91 11.18
N ALA A 227 -9.55 -0.53 9.96
CA ALA A 227 -9.12 0.75 9.41
C ALA A 227 -9.66 1.93 10.22
N ASN A 228 -10.87 1.80 10.76
CA ASN A 228 -11.47 2.90 11.51
C ASN A 228 -10.64 3.21 12.76
N TYR A 229 -10.22 2.19 13.49
CA TYR A 229 -9.36 2.42 14.64
C TYR A 229 -8.03 3.03 14.21
N THR A 230 -7.42 2.45 13.17
CA THR A 230 -6.12 2.89 12.70
C THR A 230 -6.12 4.37 12.34
N ILE A 231 -7.11 4.79 11.54
CA ILE A 231 -7.13 6.18 11.09
C ILE A 231 -7.35 7.12 12.25
N HIS A 232 -8.25 6.77 13.17
CA HIS A 232 -8.45 7.62 14.35
C HIS A 232 -7.21 7.65 15.23
N TYR A 233 -6.48 6.54 15.32
CA TYR A 233 -5.27 6.50 16.14
C TYR A 233 -4.19 7.42 15.58
N TRP A 234 -4.01 7.43 14.26
CA TRP A 234 -3.08 8.38 13.65
C TRP A 234 -3.46 9.82 13.96
N MET A 235 -4.75 10.13 13.93
CA MET A 235 -5.18 11.48 14.24
C MET A 235 -5.02 11.79 15.73
N GLU A 236 -5.37 10.83 16.59
CA GLU A 236 -5.18 11.02 18.03
C GLU A 236 -3.73 11.27 18.38
N LYS A 237 -2.81 10.63 17.65
CA LYS A 237 -1.38 10.82 17.85
C LYS A 237 -0.86 12.14 17.30
N GLY A 238 -1.71 12.93 16.64
CA GLY A 238 -1.34 14.27 16.23
C GLY A 238 -1.32 14.53 14.73
N THR A 239 -1.88 13.64 13.92
CA THR A 239 -1.86 13.80 12.47
C THR A 239 -3.09 14.57 12.01
N PRO A 240 -2.93 15.71 11.33
CA PRO A 240 -4.10 16.37 10.73
C PRO A 240 -4.72 15.51 9.64
N ALA A 241 -6.05 15.59 9.54
CA ALA A 241 -6.77 14.76 8.57
C ALA A 241 -6.23 14.95 7.15
N SER A 242 -5.84 16.17 6.80
CA SER A 242 -5.43 16.47 5.43
C SER A 242 -4.18 15.71 5.01
N LYS A 243 -3.37 15.26 5.97
CA LYS A 243 -2.15 14.53 5.67
C LYS A 243 -2.37 13.04 5.46
N ILE A 244 -3.55 12.52 5.81
CA ILE A 244 -3.79 11.10 5.79
C ILE A 244 -4.41 10.70 4.46
N VAL A 245 -3.82 9.71 3.82
CA VAL A 245 -4.45 9.04 2.68
C VAL A 245 -4.60 7.57 3.06
N MET A 246 -5.80 7.04 2.90
CA MET A 246 -6.14 5.73 3.44
C MET A 246 -5.94 4.67 2.36
N GLY A 247 -5.11 3.67 2.67
CA GLY A 247 -4.83 2.62 1.71
C GLY A 247 -5.99 1.64 1.56
N MET A 248 -6.14 1.12 0.34
CA MET A 248 -7.17 0.15 0.01
C MET A 248 -6.54 -0.93 -0.87
N PRO A 249 -6.83 -2.21 -0.58
CA PRO A 249 -6.16 -3.29 -1.31
C PRO A 249 -6.86 -3.68 -2.61
N MET A 250 -6.12 -3.77 -3.71
CA MET A 250 -6.62 -4.30 -4.96
C MET A 250 -6.40 -5.80 -5.08
N TYR A 251 -6.29 -6.49 -3.94
CA TYR A 251 -5.90 -7.89 -3.90
C TYR A 251 -6.54 -8.50 -2.66
N GLY A 252 -6.41 -9.83 -2.55
CA GLY A 252 -6.86 -10.52 -1.36
C GLY A 252 -5.80 -11.35 -0.68
N GLN A 253 -6.03 -11.69 0.59
CA GLN A 253 -5.21 -12.65 1.31
C GLN A 253 -5.89 -14.00 1.24
N SER A 254 -5.15 -15.02 0.85
CA SER A 254 -5.72 -16.34 0.60
C SER A 254 -5.21 -17.33 1.63
N PHE A 255 -6.02 -18.36 1.88
CA PHE A 255 -5.78 -19.32 2.95
C PHE A 255 -6.11 -20.71 2.46
N THR A 256 -5.33 -21.70 2.92
CA THR A 256 -5.71 -23.11 2.79
C THR A 256 -6.31 -23.52 4.14
N ILE A 257 -7.62 -23.74 4.17
CA ILE A 257 -8.29 -24.01 5.44
C ILE A 257 -8.16 -25.49 5.78
N GLU A 258 -8.17 -25.77 7.08
CA GLU A 258 -8.09 -27.15 7.55
C GLU A 258 -9.41 -27.86 7.29
N ASN A 259 -9.33 -29.19 7.12
CA ASN A 259 -10.49 -30.00 6.74
C ASN A 259 -11.38 -30.20 7.96
N ARG A 260 -12.27 -29.24 8.21
CA ARG A 260 -13.23 -29.34 9.30
C ARG A 260 -14.65 -29.06 8.86
N GLY A 261 -14.90 -28.88 7.56
CA GLY A 261 -16.25 -28.70 7.07
C GLY A 261 -16.89 -27.37 7.36
N ILE A 262 -16.10 -26.34 7.67
CA ILE A 262 -16.60 -25.01 7.94
C ILE A 262 -15.88 -24.03 7.03
N HIS A 263 -16.45 -22.82 6.90
CA HIS A 263 -15.93 -21.91 5.89
C HIS A 263 -16.06 -20.42 6.26
N GLY A 264 -16.22 -20.09 7.53
CA GLY A 264 -16.41 -18.72 7.95
C GLY A 264 -15.13 -18.03 8.38
N LEU A 265 -15.29 -16.99 9.19
CA LEU A 265 -14.16 -16.26 9.73
C LEU A 265 -13.55 -17.01 10.91
N ASN A 266 -12.23 -16.83 11.08
CA ASN A 266 -11.49 -17.34 12.23
C ASN A 266 -11.52 -18.86 12.31
N ILE A 267 -11.55 -19.53 11.17
CA ILE A 267 -11.50 -21.00 11.15
C ILE A 267 -10.06 -21.45 10.92
N PRO A 268 -9.65 -22.59 11.47
CA PRO A 268 -8.23 -22.98 11.40
C PRO A 268 -7.70 -23.06 9.98
N VAL A 269 -6.42 -22.74 9.85
CA VAL A 269 -5.74 -22.64 8.55
C VAL A 269 -4.41 -23.35 8.65
N SER A 270 -4.05 -24.12 7.62
CA SER A 270 -2.80 -24.86 7.61
C SER A 270 -1.69 -24.17 6.81
N ASP A 271 -2.03 -23.30 5.87
CA ASP A 271 -1.05 -22.68 4.99
C ASP A 271 -1.71 -21.52 4.27
N GLY A 272 -0.91 -20.76 3.55
CA GLY A 272 -1.48 -19.80 2.62
C GLY A 272 -2.19 -20.50 1.48
N GLY A 273 -3.06 -19.74 0.80
CA GLY A 273 -3.76 -20.28 -0.34
C GLY A 273 -2.84 -20.62 -1.49
N GLU A 274 -3.32 -21.51 -2.36
CA GLU A 274 -2.55 -21.90 -3.53
C GLU A 274 -2.26 -20.66 -4.38
N PRO A 275 -1.04 -20.55 -4.93
CA PRO A 275 -0.70 -19.37 -5.73
C PRO A 275 -1.57 -19.23 -6.97
N GLY A 276 -1.87 -17.98 -7.33
CA GLY A 276 -2.53 -17.71 -8.58
C GLY A 276 -1.58 -17.83 -9.77
N GLU A 277 -2.17 -18.02 -10.95
CA GLU A 277 -1.37 -18.23 -12.15
C GLU A 277 -0.54 -17.00 -12.50
N TYR A 278 -1.06 -15.80 -12.21
CA TYR A 278 -0.41 -14.56 -12.61
C TYR A 278 0.49 -13.98 -11.54
N THR A 279 0.03 -13.96 -10.31
CA THR A 279 0.80 -13.37 -9.26
C THR A 279 1.82 -14.27 -8.60
N ARG A 280 1.61 -15.59 -8.74
CA ARG A 280 2.57 -16.60 -8.28
C ARG A 280 3.09 -16.39 -6.86
N ALA A 281 2.18 -16.21 -5.92
CA ALA A 281 2.60 -15.95 -4.53
C ALA A 281 1.61 -16.63 -3.59
N LYS A 282 2.06 -17.65 -2.87
CA LYS A 282 1.20 -18.31 -1.90
C LYS A 282 0.66 -17.31 -0.89
N GLY A 283 -0.65 -17.37 -0.66
CA GLY A 283 -1.30 -16.47 0.28
C GLY A 283 -1.83 -15.19 -0.32
N PHE A 284 -1.66 -14.98 -1.63
CA PHE A 284 -1.94 -13.70 -2.28
C PHE A 284 -2.67 -13.96 -3.59
N LEU A 285 -3.70 -13.14 -3.88
CA LEU A 285 -4.40 -13.18 -5.15
C LEU A 285 -4.76 -11.77 -5.58
N ALA A 286 -4.47 -11.42 -6.83
CA ALA A 286 -4.95 -10.15 -7.36
C ALA A 286 -6.48 -10.18 -7.47
N TYR A 287 -7.07 -8.98 -7.49
CA TYR A 287 -8.51 -8.89 -7.68
C TYR A 287 -8.94 -9.59 -8.96
N TYR A 288 -8.18 -9.42 -10.06
CA TYR A 288 -8.58 -10.08 -11.31
C TYR A 288 -8.40 -11.60 -11.24
N GLU A 289 -7.65 -12.11 -10.27
CA GLU A 289 -7.63 -13.56 -10.05
C GLU A 289 -8.83 -14.00 -9.22
N ILE A 290 -9.22 -13.17 -8.25
CA ILE A 290 -10.34 -13.50 -7.37
C ILE A 290 -11.65 -13.44 -8.14
N CYS A 291 -11.88 -12.36 -8.91
CA CYS A 291 -13.16 -12.20 -9.56
C CYS A 291 -13.38 -13.27 -10.62
N ASP A 292 -12.31 -13.81 -11.19
CA ASP A 292 -12.51 -14.89 -12.17
C ASP A 292 -12.89 -16.20 -11.48
N ARG A 293 -12.36 -16.43 -10.28
CA ARG A 293 -12.74 -17.63 -9.53
C ARG A 293 -14.21 -17.59 -9.17
N ILE A 294 -14.73 -16.42 -8.82
CA ILE A 294 -16.15 -16.27 -8.50
C ILE A 294 -16.99 -16.45 -9.76
N ARG A 295 -16.60 -15.79 -10.84
CA ARG A 295 -17.46 -15.76 -12.02
C ARG A 295 -17.48 -17.10 -12.73
N ASN A 296 -16.34 -17.78 -12.81
CA ASN A 296 -16.16 -18.89 -13.72
C ASN A 296 -15.74 -20.20 -13.06
N SER A 297 -15.42 -20.19 -11.77
CA SER A 297 -15.03 -21.41 -11.06
C SER A 297 -15.90 -21.70 -9.86
N GLY A 298 -17.04 -21.04 -9.72
CA GLY A 298 -18.02 -21.40 -8.72
C GLY A 298 -17.58 -21.20 -7.28
N TRP A 299 -16.74 -20.21 -7.02
CA TRP A 299 -16.43 -19.88 -5.63
C TRP A 299 -17.62 -19.18 -5.00
N THR A 300 -17.94 -19.57 -3.77
CA THR A 300 -19.06 -18.97 -3.05
C THR A 300 -18.61 -17.69 -2.36
N VAL A 301 -19.39 -16.62 -2.50
CA VAL A 301 -19.07 -15.31 -1.93
C VAL A 301 -19.95 -15.06 -0.73
N VAL A 302 -19.34 -14.56 0.35
CA VAL A 302 -20.05 -14.21 1.58
C VAL A 302 -19.78 -12.74 1.87
N LYS A 303 -20.84 -11.94 1.90
CA LYS A 303 -20.74 -10.51 2.16
C LYS A 303 -21.24 -10.20 3.57
N ASP A 304 -20.71 -9.12 4.13
CA ASP A 304 -21.13 -8.66 5.45
C ASP A 304 -22.33 -7.74 5.29
N PRO A 305 -23.51 -8.11 5.77
CA PRO A 305 -24.66 -7.21 5.65
C PRO A 305 -24.48 -5.91 6.41
N TYR A 306 -23.68 -5.88 7.49
CA TYR A 306 -23.43 -4.60 8.13
C TYR A 306 -22.36 -3.80 7.42
N GLN A 307 -21.62 -4.40 6.50
CA GLN A 307 -20.58 -3.70 5.75
C GLN A 307 -19.46 -3.22 6.66
N ARG A 308 -19.12 -4.03 7.67
CA ARG A 308 -17.92 -3.76 8.46
C ARG A 308 -16.66 -4.18 7.72
N MET A 309 -16.79 -5.05 6.73
CA MET A 309 -15.65 -5.53 5.97
C MET A 309 -16.13 -5.97 4.60
N GLY A 310 -15.19 -6.14 3.67
CA GLY A 310 -15.50 -6.66 2.38
C GLY A 310 -15.86 -8.13 2.44
N PRO A 311 -16.08 -8.72 1.26
CA PRO A 311 -16.49 -10.13 1.21
C PRO A 311 -15.31 -11.08 1.39
N TYR A 312 -15.65 -12.37 1.50
CA TYR A 312 -14.69 -13.43 1.29
C TYR A 312 -15.31 -14.46 0.37
N ALA A 313 -14.47 -15.30 -0.20
CA ALA A 313 -14.90 -16.31 -1.17
C ALA A 313 -14.14 -17.60 -0.91
N TYR A 314 -14.78 -18.73 -1.21
CA TYR A 314 -14.14 -20.01 -0.92
C TYR A 314 -14.61 -21.08 -1.89
N LYS A 315 -13.77 -22.10 -2.03
CA LYS A 315 -14.12 -23.32 -2.75
C LYS A 315 -13.19 -24.42 -2.27
N GLY A 316 -13.77 -25.55 -1.86
CA GLY A 316 -12.94 -26.61 -1.30
C GLY A 316 -12.22 -26.15 -0.05
N ASN A 317 -10.90 -26.32 -0.04
CA ASN A 317 -10.08 -25.88 1.07
C ASN A 317 -9.40 -24.54 0.81
N GLN A 318 -9.87 -23.77 -0.18
CA GLN A 318 -9.31 -22.47 -0.51
C GLN A 318 -10.27 -21.36 -0.09
N TRP A 319 -9.71 -20.26 0.42
CA TRP A 319 -10.47 -19.21 1.08
C TRP A 319 -9.71 -17.91 0.89
N VAL A 320 -10.40 -16.84 0.49
CA VAL A 320 -9.75 -15.56 0.23
C VAL A 320 -10.65 -14.41 0.65
N SER A 321 -10.07 -13.40 1.30
CA SER A 321 -10.77 -12.19 1.69
C SER A 321 -10.23 -11.01 0.89
N PHE A 322 -11.11 -10.09 0.51
CA PHE A 322 -10.76 -9.03 -0.42
C PHE A 322 -11.80 -7.92 -0.33
N ASP A 323 -11.55 -6.83 -1.06
CA ASP A 323 -12.48 -5.71 -1.16
C ASP A 323 -13.19 -5.76 -2.51
N ASP A 324 -14.51 -5.59 -2.50
CA ASP A 324 -15.28 -5.46 -3.73
C ASP A 324 -15.70 -4.00 -3.91
N VAL A 325 -16.36 -3.72 -5.03
CA VAL A 325 -16.76 -2.34 -5.32
C VAL A 325 -17.63 -1.78 -4.21
N GLU A 326 -18.50 -2.62 -3.64
CA GLU A 326 -19.42 -2.15 -2.59
C GLU A 326 -18.67 -1.62 -1.38
N ILE A 327 -17.76 -2.43 -0.82
CA ILE A 327 -17.04 -2.00 0.37
C ILE A 327 -16.08 -0.86 0.03
N ILE A 328 -15.58 -0.82 -1.21
CA ILE A 328 -14.71 0.28 -1.63
C ILE A 328 -15.47 1.61 -1.55
N LYS A 329 -16.70 1.62 -2.04
CA LYS A 329 -17.51 2.84 -1.95
C LYS A 329 -17.76 3.21 -0.49
N LYS A 330 -17.97 2.20 0.36
CA LYS A 330 -18.13 2.45 1.79
C LYS A 330 -16.86 3.08 2.38
N LYS A 331 -15.71 2.55 2.00
CA LYS A 331 -14.44 3.08 2.51
C LYS A 331 -14.19 4.50 2.01
N VAL A 332 -14.57 4.81 0.80
CA VAL A 332 -14.35 6.14 0.28
C VAL A 332 -15.32 7.13 0.94
N ASN A 333 -16.52 6.68 1.25
CA ASN A 333 -17.46 7.53 1.97
C ASN A 333 -16.85 7.82 3.36
N PHE A 334 -16.22 6.84 3.96
CA PHE A 334 -15.54 7.00 5.24
C PHE A 334 -14.45 8.08 5.11
N ILE A 335 -13.67 8.00 4.04
CA ILE A 335 -12.64 8.95 3.75
C ILE A 335 -13.24 10.36 3.67
N LYS A 336 -14.33 10.52 2.97
CA LYS A 336 -14.93 11.85 2.82
C LYS A 336 -15.50 12.34 4.14
N SER A 337 -16.09 11.44 4.93
CA SER A 337 -16.74 11.84 6.17
C SER A 337 -15.74 12.36 7.20
N LEU A 338 -14.51 11.86 7.17
CA LEU A 338 -13.47 12.33 8.08
C LEU A 338 -12.61 13.43 7.46
N ASN A 339 -12.93 13.87 6.25
CA ASN A 339 -12.16 14.92 5.56
C ASN A 339 -10.69 14.53 5.43
N LEU A 340 -10.43 13.26 5.15
CA LEU A 340 -9.04 12.84 5.00
C LEU A 340 -8.46 13.42 3.71
N GLY A 341 -7.14 13.26 3.56
CA GLY A 341 -6.48 13.79 2.38
C GLY A 341 -6.84 13.05 1.10
N GLY A 342 -7.28 11.80 1.21
CA GLY A 342 -7.68 11.04 0.04
C GLY A 342 -7.49 9.55 0.28
N GLY A 343 -7.33 8.83 -0.84
CA GLY A 343 -7.16 7.40 -0.80
C GLY A 343 -5.86 6.99 -1.49
N MET A 344 -5.47 5.75 -1.25
CA MET A 344 -4.30 5.14 -1.85
C MET A 344 -4.65 3.71 -2.20
N ILE A 345 -4.06 3.18 -3.28
CA ILE A 345 -4.30 1.79 -3.68
C ILE A 345 -2.98 1.05 -3.78
N TRP A 346 -2.99 -0.21 -3.32
CA TRP A 346 -1.97 -1.21 -3.64
C TRP A 346 -2.67 -2.33 -4.40
N ALA A 347 -2.43 -2.44 -5.70
CA ALA A 347 -1.60 -1.58 -6.53
C ALA A 347 -2.25 -1.53 -7.91
N LEU A 348 -1.75 -0.66 -8.80
CA LEU A 348 -2.38 -0.50 -10.12
C LEU A 348 -2.56 -1.82 -10.85
N ASP A 349 -1.55 -2.68 -10.80
CA ASP A 349 -1.49 -3.90 -11.60
C ASP A 349 -2.31 -5.05 -11.04
N LEU A 350 -2.97 -4.85 -9.89
CA LEU A 350 -3.74 -5.91 -9.25
C LEU A 350 -5.25 -5.76 -9.42
N ASP A 351 -5.72 -4.55 -9.74
CA ASP A 351 -7.10 -4.31 -10.16
C ASP A 351 -7.33 -4.99 -11.51
N ASP A 352 -8.59 -5.10 -11.91
CA ASP A 352 -8.94 -5.75 -13.19
C ASP A 352 -8.85 -4.75 -14.34
N TYR A 353 -7.60 -4.35 -14.64
CA TYR A 353 -7.37 -3.32 -15.65
C TYR A 353 -7.67 -3.80 -17.06
N ARG A 354 -7.78 -5.10 -17.29
CA ARG A 354 -8.09 -5.62 -18.62
C ARG A 354 -9.56 -5.94 -18.81
N ASN A 355 -10.41 -5.73 -17.80
CA ASN A 355 -11.83 -6.07 -17.86
C ASN A 355 -12.02 -7.57 -18.07
N ARG A 356 -11.19 -8.35 -17.42
CA ARG A 356 -11.31 -9.80 -17.49
C ARG A 356 -12.59 -10.30 -16.85
N CYS A 357 -13.17 -9.54 -15.94
CA CYS A 357 -14.34 -9.98 -15.20
C CYS A 357 -15.62 -9.27 -15.62
N GLY A 358 -15.58 -8.44 -16.66
CA GLY A 358 -16.78 -7.91 -17.24
C GLY A 358 -17.43 -6.75 -16.53
N GLN A 359 -16.87 -6.26 -15.42
CA GLN A 359 -17.40 -5.08 -14.74
C GLN A 359 -16.84 -3.78 -15.27
N GLY A 360 -16.11 -3.82 -16.37
CA GLY A 360 -15.40 -2.68 -16.89
C GLY A 360 -13.94 -2.67 -16.46
N LYS A 361 -13.14 -1.90 -17.18
CA LYS A 361 -11.72 -1.80 -16.84
C LYS A 361 -11.55 -1.06 -15.53
N HIS A 362 -10.62 -1.54 -14.71
CA HIS A 362 -10.30 -0.94 -13.42
C HIS A 362 -11.55 -0.75 -12.57
N PRO A 363 -12.28 -1.82 -12.26
CA PRO A 363 -13.53 -1.64 -11.50
C PRO A 363 -13.32 -1.09 -10.10
N LEU A 364 -12.31 -1.55 -9.36
CA LEU A 364 -12.08 -1.01 -8.03
C LEU A 364 -11.61 0.43 -8.09
N LEU A 365 -10.63 0.72 -8.94
CA LEU A 365 -10.07 2.07 -8.97
C LEU A 365 -11.07 3.08 -9.52
N ASN A 366 -11.89 2.70 -10.50
CA ASN A 366 -12.94 3.61 -10.96
C ASN A 366 -13.98 3.84 -9.88
N ALA A 367 -14.26 2.82 -9.06
CA ALA A 367 -15.19 3.01 -7.95
C ALA A 367 -14.66 4.05 -6.96
N ILE A 368 -13.35 4.03 -6.69
CA ILE A 368 -12.75 5.02 -5.80
C ILE A 368 -12.89 6.41 -6.39
N LYS A 369 -12.49 6.57 -7.65
CA LYS A 369 -12.53 7.88 -8.30
C LYS A 369 -13.96 8.43 -8.35
N THR A 370 -14.92 7.60 -8.76
CA THR A 370 -16.31 8.05 -8.82
C THR A 370 -16.80 8.53 -7.46
N GLU A 371 -16.49 7.78 -6.40
CA GLU A 371 -16.97 8.16 -5.07
C GLU A 371 -16.21 9.37 -4.53
N LEU A 372 -14.93 9.51 -4.86
CA LEU A 372 -14.19 10.69 -4.44
C LEU A 372 -14.77 11.95 -5.09
N LEU A 373 -15.24 11.84 -6.34
CA LEU A 373 -15.79 12.98 -7.06
C LEU A 373 -17.26 13.22 -6.74
N ASN A 374 -17.93 12.28 -6.06
CA ASN A 374 -19.33 12.46 -5.68
C ASN A 374 -19.42 13.35 -4.45
N PRO A 375 -20.11 14.49 -4.52
CA PRO A 375 -20.18 15.39 -3.36
C PRO A 375 -20.97 14.84 -2.18
N LYS A 376 -21.88 13.89 -2.40
CA LYS A 376 -22.70 13.38 -1.30
C LYS A 376 -21.89 12.47 -0.38
N ILE A 377 -22.10 12.64 0.92
CA ILE A 377 -21.52 11.76 1.93
C ILE A 377 -22.61 10.90 2.56
#